data_6WS5
#
_entry.id   6WS5
#
_cell.length_a   50.019
_cell.length_b   73.023
_cell.length_c   85.554
_cell.angle_alpha   90.000
_cell.angle_beta   90.000
_cell.angle_gamma   90.000
#
_symmetry.space_group_name_H-M   'P 21 21 21'
#
loop_
_entity.id
_entity.type
_entity.pdbx_description
1 polymer 'DNA repair protein REV1'
2 polymer 'Mitotic spindle assembly checkpoint protein MAD2B'
3 polymer 'DNA polymerase zeta catalytic subunit'
4 non-polymer 3-[(Z)-(2,3-difluorophenyl)diazenyl]pyridine-2,6-diamine
5 water water
#
loop_
_entity_poly.entity_id
_entity_poly.type
_entity_poly.pdbx_seq_one_letter_code
_entity_poly.pdbx_strand_id
1 'polypeptide(L)'
;GNLAGAVEFNDVKTLLREWITTISDPMEEDILQVVKYCTDLIEEKDLEKLDLVIKYMKRLMQQSVESVWNMAFDFILDNV
QVVLQQTYGSTLKVT
;
HHH
2 'polypeptide(L)'
;MGSSHHHHHHSQDPNSMTTLTRQDLNFGQVVADVLCEFLEVAVHLILYVREVYPVGIFQKRKKYNVPVQMSCHPELNQYI
QDTLHCVKPLLEKNDVEKVVVVILDKEHRPVEKFVFEITQPPLLSISSDSLLSHVEQLLAAFILKISVCDAVLDHNPPGC
TFTVLVHTREAATRNMEKIQVIKDFPWILADEQDVHMHDPRLIPLKTMTSDILKMQLYVEERAHKGS
;
CCC
3 'polypeptide(L)' MLTPTPDSSPRSTSSPSQSKNGSFTPRTANILKPLMSPPSREEIMATLLDHD ZZZ
#
loop_
_chem_comp.id
_chem_comp.type
_chem_comp.name
_chem_comp.formula
U8M non-polymer 3-[(Z)-(2,3-difluorophenyl)diazenyl]pyridine-2,6-diamine 'C11 H9 F2 N5'
#
# COMPACT_ATOMS: atom_id res chain seq x y z
N GLY A 1 -14.32 -12.54 -8.20
CA GLY A 1 -13.15 -12.10 -9.06
C GLY A 1 -13.28 -12.62 -10.47
N ASN A 2 -14.51 -12.81 -10.93
CA ASN A 2 -14.84 -13.49 -12.20
C ASN A 2 -15.68 -12.55 -13.09
N LEU A 3 -15.27 -12.33 -14.33
CA LEU A 3 -16.07 -11.56 -15.33
C LEU A 3 -16.50 -12.54 -16.41
N ALA A 4 -17.82 -12.73 -16.53
CA ALA A 4 -18.48 -13.65 -17.48
C ALA A 4 -17.51 -14.78 -17.81
N GLY A 5 -17.11 -15.58 -16.82
CA GLY A 5 -16.30 -16.79 -17.06
C GLY A 5 -14.80 -16.57 -16.89
N ALA A 6 -14.28 -15.35 -17.11
CA ALA A 6 -12.82 -15.05 -17.08
C ALA A 6 -12.35 -14.73 -15.65
N VAL A 7 -11.33 -15.42 -15.16
CA VAL A 7 -10.74 -15.29 -13.79
C VAL A 7 -9.39 -14.58 -13.90
N GLU A 8 -8.46 -15.12 -14.70
CA GLU A 8 -7.13 -14.51 -14.99
C GLU A 8 -7.34 -13.08 -15.53
N PHE A 9 -6.31 -12.25 -15.54
CA PHE A 9 -6.40 -10.81 -15.87
C PHE A 9 -6.18 -10.54 -17.36
N ASN A 10 -5.43 -11.38 -18.08
CA ASN A 10 -5.12 -11.18 -19.53
C ASN A 10 -6.34 -11.62 -20.35
N ASP A 11 -7.04 -12.62 -19.83
CA ASP A 11 -8.38 -13.09 -20.24
C ASP A 11 -9.41 -11.96 -20.13
N VAL A 12 -9.46 -11.28 -18.99
CA VAL A 12 -10.45 -10.21 -18.71
C VAL A 12 -10.23 -9.04 -19.66
N LYS A 13 -8.99 -8.80 -20.12
CA LYS A 13 -8.68 -7.70 -21.08
C LYS A 13 -9.01 -8.12 -22.53
N THR A 14 -8.72 -9.36 -22.90
CA THR A 14 -9.32 -10.05 -24.08
C THR A 14 -10.79 -9.64 -24.21
N LEU A 15 -11.63 -9.98 -23.20
CA LEU A 15 -13.09 -9.75 -23.26
C LEU A 15 -13.39 -8.28 -23.48
N LEU A 16 -12.78 -7.40 -22.69
CA LEU A 16 -13.21 -5.98 -22.69
C LEU A 16 -12.79 -5.34 -23.99
N ARG A 17 -11.61 -5.75 -24.53
CA ARG A 17 -11.13 -5.35 -25.88
C ARG A 17 -12.16 -5.78 -26.93
N GLU A 18 -12.51 -7.06 -26.97
CA GLU A 18 -13.58 -7.59 -27.88
C GLU A 18 -14.85 -6.73 -27.71
N TRP A 19 -15.44 -6.74 -26.52
CA TRP A 19 -16.80 -6.21 -26.24
C TRP A 19 -16.91 -4.73 -26.60
N ILE A 20 -15.91 -3.92 -26.28
CA ILE A 20 -16.03 -2.43 -26.44
C ILE A 20 -15.93 -2.07 -27.93
N THR A 21 -15.06 -2.75 -28.69
CA THR A 21 -14.61 -2.37 -30.06
C THR A 21 -15.53 -2.92 -31.18
N THR A 22 -16.01 -4.16 -31.05
CA THR A 22 -17.07 -4.74 -31.91
C THR A 22 -18.40 -4.00 -31.70
N ILE A 23 -19.05 -4.17 -30.55
CA ILE A 23 -20.48 -3.81 -30.31
C ILE A 23 -20.62 -2.27 -30.33
N SER A 24 -21.83 -1.77 -30.50
CA SER A 24 -22.19 -0.37 -30.84
C SER A 24 -23.33 0.18 -29.95
N ASP A 25 -24.15 -0.70 -29.36
CA ASP A 25 -25.00 -0.41 -28.17
C ASP A 25 -24.79 -1.52 -27.14
N PRO A 26 -23.87 -1.37 -26.17
CA PRO A 26 -23.63 -2.41 -25.14
C PRO A 26 -24.91 -2.79 -24.37
N MET A 27 -25.22 -4.09 -24.24
CA MET A 27 -26.40 -4.51 -23.44
C MET A 27 -26.17 -4.03 -21.97
N GLU A 28 -27.19 -3.44 -21.35
CA GLU A 28 -27.12 -2.93 -19.96
C GLU A 28 -26.70 -4.04 -18.99
N GLU A 29 -27.16 -5.26 -19.21
CA GLU A 29 -26.79 -6.43 -18.39
C GLU A 29 -25.27 -6.50 -18.35
N ASP A 30 -24.61 -6.31 -19.49
CA ASP A 30 -23.12 -6.40 -19.57
C ASP A 30 -22.47 -5.32 -18.68
N ILE A 31 -22.94 -4.08 -18.78
CA ILE A 31 -22.33 -2.93 -18.03
C ILE A 31 -22.44 -3.27 -16.51
N LEU A 32 -23.58 -3.78 -16.05
CA LEU A 32 -23.77 -4.14 -14.63
C LEU A 32 -22.90 -5.34 -14.25
N GLN A 33 -22.78 -6.35 -15.10
CA GLN A 33 -21.87 -7.52 -14.88
C GLN A 33 -20.42 -7.06 -14.63
N VAL A 34 -20.03 -5.96 -15.26
CA VAL A 34 -18.66 -5.39 -15.17
C VAL A 34 -18.55 -4.61 -13.84
N VAL A 35 -19.59 -3.79 -13.49
CA VAL A 35 -19.71 -3.14 -12.16
C VAL A 35 -19.54 -4.21 -11.06
N LYS A 36 -20.22 -5.35 -11.19
CA LYS A 36 -20.14 -6.44 -10.20
C LYS A 36 -18.73 -7.01 -10.16
N TYR A 37 -18.13 -7.33 -11.31
CA TYR A 37 -16.68 -7.69 -11.38
C TYR A 37 -15.87 -6.67 -10.58
N CYS A 38 -16.09 -5.38 -10.83
CA CYS A 38 -15.28 -4.31 -10.17
C CYS A 38 -15.49 -4.30 -8.66
N THR A 39 -16.75 -4.28 -8.24
CA THR A 39 -17.09 -4.24 -6.79
C THR A 39 -16.49 -5.50 -6.14
N ASP A 40 -16.47 -6.65 -6.85
CA ASP A 40 -15.83 -7.91 -6.36
C ASP A 40 -14.31 -7.71 -6.22
N LEU A 41 -13.64 -6.95 -7.09
CA LEU A 41 -12.18 -6.68 -6.88
C LEU A 41 -11.95 -5.98 -5.54
N ILE A 42 -12.91 -5.21 -5.04
CA ILE A 42 -12.79 -4.40 -3.80
C ILE A 42 -12.90 -5.32 -2.59
N GLU A 43 -13.94 -6.17 -2.58
CA GLU A 43 -14.17 -7.13 -1.47
C GLU A 43 -12.98 -8.05 -1.37
N GLU A 44 -12.48 -8.49 -2.51
CA GLU A 44 -11.37 -9.50 -2.61
C GLU A 44 -9.99 -8.86 -2.37
N LYS A 45 -9.93 -7.54 -2.11
CA LYS A 45 -8.70 -6.85 -1.66
C LYS A 45 -7.69 -6.88 -2.82
N ASP A 46 -8.13 -6.55 -4.04
CA ASP A 46 -7.22 -6.51 -5.22
C ASP A 46 -7.32 -5.17 -5.96
N LEU A 47 -6.77 -4.13 -5.33
CA LEU A 47 -6.88 -2.74 -5.85
C LEU A 47 -6.03 -2.58 -7.12
N GLU A 48 -4.90 -3.27 -7.20
CA GLU A 48 -4.03 -3.18 -8.41
C GLU A 48 -4.84 -3.68 -9.62
N LYS A 49 -5.42 -4.86 -9.52
CA LYS A 49 -6.25 -5.41 -10.61
C LYS A 49 -7.39 -4.39 -10.87
N LEU A 50 -7.99 -3.77 -9.82
CA LEU A 50 -9.01 -2.72 -10.02
C LEU A 50 -8.41 -1.50 -10.76
N ASP A 51 -7.31 -0.92 -10.34
CA ASP A 51 -6.79 0.24 -11.12
C ASP A 51 -6.53 -0.24 -12.55
N LEU A 52 -6.01 -1.46 -12.73
CA LEU A 52 -5.60 -1.88 -14.08
C LEU A 52 -6.83 -1.97 -14.99
N VAL A 53 -7.91 -2.62 -14.55
CA VAL A 53 -9.15 -2.81 -15.39
C VAL A 53 -9.76 -1.40 -15.61
N ILE A 54 -9.80 -0.55 -14.60
CA ILE A 54 -10.38 0.81 -14.78
C ILE A 54 -9.56 1.59 -15.82
N LYS A 55 -8.23 1.46 -15.80
CA LYS A 55 -7.31 2.26 -16.65
C LYS A 55 -7.53 1.84 -18.10
N TYR A 56 -7.58 0.52 -18.31
CA TYR A 56 -7.87 -0.10 -19.64
C TYR A 56 -9.21 0.40 -20.17
N MET A 57 -10.27 0.08 -19.46
CA MET A 57 -11.63 0.49 -19.84
C MET A 57 -11.63 1.98 -20.16
N LYS A 58 -11.01 2.82 -19.37
CA LYS A 58 -10.97 4.29 -19.69
C LYS A 58 -10.37 4.52 -21.10
N ARG A 59 -9.34 3.76 -21.53
CA ARG A 59 -8.63 3.96 -22.81
C ARG A 59 -9.65 3.76 -23.95
N LEU A 60 -10.18 2.55 -24.09
CA LEU A 60 -11.12 2.10 -25.17
C LEU A 60 -12.43 2.89 -25.16
N MET A 61 -13.09 3.02 -24.01
CA MET A 61 -14.43 3.64 -23.86
C MET A 61 -14.35 5.16 -24.07
N GLN A 62 -13.27 5.83 -23.66
CA GLN A 62 -13.15 7.31 -23.84
C GLN A 62 -12.59 7.62 -25.26
N GLN A 63 -11.90 6.69 -25.88
CA GLN A 63 -11.39 6.88 -27.25
C GLN A 63 -12.48 6.55 -28.28
N SER A 64 -13.64 6.08 -27.82
CA SER A 64 -14.86 5.88 -28.66
C SER A 64 -15.43 7.26 -29.05
N VAL A 65 -15.92 7.37 -30.28
CA VAL A 65 -16.74 8.54 -30.74
C VAL A 65 -18.14 8.41 -30.10
N GLU A 66 -18.59 7.14 -29.92
CA GLU A 66 -19.93 6.67 -29.44
C GLU A 66 -20.11 6.99 -27.96
N SER A 67 -20.83 8.08 -27.65
CA SER A 67 -21.01 8.69 -26.29
C SER A 67 -21.66 7.66 -25.35
N VAL A 68 -22.31 6.67 -25.95
CA VAL A 68 -22.66 5.36 -25.35
C VAL A 68 -21.53 4.87 -24.41
N TRP A 69 -20.31 4.61 -24.95
CA TRP A 69 -19.16 4.05 -24.20
C TRP A 69 -18.53 5.08 -23.25
N ASN A 70 -18.50 6.35 -23.61
CA ASN A 70 -18.05 7.47 -22.73
C ASN A 70 -18.91 7.49 -21.46
N MET A 71 -20.21 7.23 -21.61
CA MET A 71 -21.18 7.35 -20.50
C MET A 71 -21.24 6.02 -19.75
N ALA A 72 -21.01 4.89 -20.42
CA ALA A 72 -20.82 3.56 -19.80
C ALA A 72 -19.73 3.68 -18.73
N PHE A 73 -18.55 4.14 -19.16
CA PHE A 73 -17.37 4.29 -18.29
C PHE A 73 -17.66 5.26 -17.12
N ASP A 74 -18.50 6.27 -17.36
CA ASP A 74 -18.90 7.28 -16.34
C ASP A 74 -19.83 6.60 -15.32
N PHE A 75 -20.72 5.73 -15.78
CA PHE A 75 -21.59 4.92 -14.92
C PHE A 75 -20.74 3.91 -14.09
N ILE A 76 -19.86 3.13 -14.75
CA ILE A 76 -18.97 2.14 -14.08
C ILE A 76 -18.16 2.86 -12.97
N LEU A 77 -17.46 3.94 -13.31
CA LEU A 77 -16.49 4.58 -12.41
C LEU A 77 -17.24 5.10 -11.18
N ASP A 78 -18.37 5.82 -11.40
CA ASP A 78 -19.28 6.37 -10.36
C ASP A 78 -19.65 5.23 -9.35
N ASN A 79 -20.00 4.03 -9.79
CA ASN A 79 -20.38 2.90 -8.92
C ASN A 79 -19.16 2.42 -8.15
N VAL A 80 -18.01 2.29 -8.82
CA VAL A 80 -16.79 1.78 -8.12
C VAL A 80 -16.48 2.74 -6.95
N GLN A 81 -16.51 4.00 -7.21
CA GLN A 81 -16.10 5.07 -6.27
C GLN A 81 -16.99 5.07 -5.00
N VAL A 82 -18.32 5.12 -5.14
CA VAL A 82 -19.24 5.07 -3.96
C VAL A 82 -18.84 3.86 -3.09
N VAL A 83 -18.47 2.74 -3.69
CA VAL A 83 -18.12 1.48 -2.93
C VAL A 83 -16.70 1.58 -2.30
N LEU A 84 -15.69 2.12 -3.00
CA LEU A 84 -14.36 2.41 -2.43
C LEU A 84 -14.50 3.51 -1.36
N GLN A 85 -15.31 4.53 -1.62
CA GLN A 85 -15.55 5.65 -0.66
C GLN A 85 -16.06 5.10 0.67
N GLN A 86 -16.76 3.94 0.70
CA GLN A 86 -17.44 3.45 1.94
C GLN A 86 -16.71 2.29 2.63
N THR A 87 -15.75 1.65 1.98
CA THR A 87 -15.03 0.45 2.50
C THR A 87 -13.54 0.79 2.70
N TYR A 88 -13.04 1.81 2.02
CA TYR A 88 -11.64 2.27 2.18
C TYR A 88 -11.62 3.75 2.60
N GLY A 89 -12.73 4.48 2.50
CA GLY A 89 -12.77 5.91 2.85
C GLY A 89 -12.08 6.79 1.82
N SER A 90 -11.78 6.26 0.64
CA SER A 90 -11.05 7.03 -0.41
C SER A 90 -11.66 6.74 -1.81
N THR A 91 -11.34 7.56 -2.81
CA THR A 91 -11.66 7.30 -4.22
C THR A 91 -10.36 7.03 -4.98
N LEU A 92 -10.40 6.09 -5.92
CA LEU A 92 -9.31 5.87 -6.91
C LEU A 92 -8.94 7.23 -7.46
N LYS A 93 -7.66 7.57 -7.44
CA LYS A 93 -7.08 8.64 -8.25
C LYS A 93 -7.07 8.08 -9.65
N VAL A 94 -7.76 8.74 -10.59
CA VAL A 94 -7.77 8.40 -12.04
C VAL A 94 -7.08 9.54 -12.80
N THR A 95 -5.85 9.27 -13.29
CA THR A 95 -4.88 10.19 -13.96
C THR A 95 -5.55 10.78 -15.20
N THR B 21 14.47 -19.88 3.31
CA THR B 21 14.56 -21.26 2.77
C THR B 21 13.87 -22.24 3.72
N GLN B 23 14.48 -22.50 4.87
CA GLN B 23 14.26 -23.73 5.69
C GLN B 23 14.12 -23.35 7.17
N LEU B 25 13.33 -24.11 7.94
CA LEU B 25 13.29 -24.14 9.43
C LEU B 25 12.61 -22.89 10.01
N ASN B 26 12.22 -22.99 11.30
CA ASN B 26 11.63 -21.90 12.14
C ASN B 26 10.12 -21.88 11.87
N PHE B 27 9.32 -21.19 12.71
CA PHE B 27 7.85 -21.40 12.85
C PHE B 27 7.09 -20.48 11.89
N GLY B 28 6.29 -19.54 12.39
CA GLY B 28 5.70 -18.44 11.59
C GLY B 28 6.53 -17.17 11.70
N GLN B 29 7.85 -17.33 11.93
CA GLN B 29 8.85 -16.26 12.24
C GLN B 29 10.02 -16.35 11.24
N VAL B 30 9.79 -16.91 10.06
CA VAL B 30 10.53 -16.50 8.83
C VAL B 30 9.56 -15.61 8.04
N VAL B 31 8.26 -15.96 7.98
CA VAL B 31 7.14 -15.04 7.57
C VAL B 31 7.39 -13.64 8.19
N ALA B 32 7.92 -13.57 9.43
CA ALA B 32 8.01 -12.34 10.22
C ALA B 32 9.30 -11.57 9.90
N ASP B 33 10.42 -12.28 9.79
CA ASP B 33 11.77 -11.74 9.40
C ASP B 33 11.80 -11.44 7.91
N VAL B 34 11.02 -12.13 7.09
CA VAL B 34 10.81 -11.81 5.64
C VAL B 34 10.19 -10.42 5.57
N LEU B 35 9.00 -10.30 6.15
CA LEU B 35 8.19 -9.06 6.17
C LEU B 35 9.00 -7.89 6.76
N CYS B 36 9.62 -8.06 7.92
CA CYS B 36 10.44 -7.06 8.63
C CYS B 36 11.58 -6.55 7.75
N GLU B 37 12.33 -7.46 7.15
CA GLU B 37 13.46 -7.14 6.25
C GLU B 37 12.89 -6.32 5.09
N PHE B 38 11.80 -6.82 4.50
CA PHE B 38 11.07 -6.16 3.39
C PHE B 38 10.71 -4.72 3.82
N LEU B 39 10.02 -4.62 4.94
CA LEU B 39 9.65 -3.32 5.53
C LEU B 39 10.89 -2.45 5.72
N GLU B 40 11.98 -2.90 6.35
CA GLU B 40 13.19 -2.03 6.51
C GLU B 40 13.52 -1.43 5.14
N VAL B 41 13.53 -2.23 4.10
CA VAL B 41 13.97 -1.70 2.77
C VAL B 41 12.95 -0.70 2.22
N ALA B 42 11.67 -1.12 2.20
CA ALA B 42 10.46 -0.34 1.84
C ALA B 42 10.45 1.04 2.50
N VAL B 43 10.64 1.07 3.82
CA VAL B 43 10.58 2.32 4.62
C VAL B 43 11.73 3.18 4.13
N HIS B 44 12.93 2.62 4.00
CA HIS B 44 14.13 3.39 3.56
C HIS B 44 13.88 4.06 2.19
N LEU B 45 13.39 3.29 1.21
CA LEU B 45 13.16 3.70 -0.18
C LEU B 45 12.04 4.75 -0.27
N ILE B 46 10.94 4.56 0.46
CA ILE B 46 9.89 5.64 0.60
C ILE B 46 10.58 6.92 1.04
N LEU B 47 11.45 6.91 2.07
CA LEU B 47 12.09 8.16 2.58
C LEU B 47 12.94 8.81 1.48
N TYR B 48 13.63 8.01 0.67
CA TYR B 48 14.41 8.43 -0.53
C TYR B 48 13.51 8.97 -1.66
N VAL B 49 12.51 8.27 -2.14
CA VAL B 49 11.72 8.69 -3.34
C VAL B 49 10.77 9.89 -3.03
N ARG B 50 10.53 10.22 -1.78
CA ARG B 50 9.59 11.27 -1.40
C ARG B 50 10.40 12.38 -0.71
N GLU B 51 11.73 12.24 -0.71
CA GLU B 51 12.68 13.30 -0.33
C GLU B 51 12.33 13.81 1.06
N VAL B 52 12.23 12.90 2.03
CA VAL B 52 11.87 13.26 3.43
C VAL B 52 13.18 13.62 4.11
N TYR B 53 14.26 13.06 3.64
CA TYR B 53 15.62 13.35 4.12
C TYR B 53 16.44 13.70 2.87
N PRO B 54 17.50 14.53 2.98
CA PRO B 54 18.33 14.85 1.80
C PRO B 54 18.96 13.57 1.22
N VAL B 55 19.13 13.53 -0.10
CA VAL B 55 19.73 12.38 -0.87
C VAL B 55 21.08 12.03 -0.25
N GLY B 56 21.79 13.07 0.26
CA GLY B 56 23.14 12.99 0.85
C GLY B 56 23.30 11.81 1.76
N ILE B 57 22.28 11.48 2.55
CA ILE B 57 22.44 10.48 3.63
C ILE B 57 22.29 9.10 3.03
N PHE B 58 22.06 8.97 1.72
CA PHE B 58 21.71 7.64 1.13
C PHE B 58 22.91 7.03 0.36
N GLN B 59 22.94 5.70 0.23
CA GLN B 59 23.92 4.92 -0.57
C GLN B 59 23.12 3.90 -1.40
N LYS B 60 23.35 3.81 -2.73
CA LYS B 60 22.75 2.73 -3.57
C LYS B 60 23.10 1.34 -2.99
N ARG B 61 22.22 0.34 -3.10
CA ARG B 61 22.43 -1.02 -2.57
C ARG B 61 21.55 -2.00 -3.34
N LYS B 62 21.65 -3.30 -3.08
CA LYS B 62 20.97 -4.32 -3.90
C LYS B 62 20.14 -5.18 -2.95
N LYS B 63 18.83 -5.22 -3.16
CA LYS B 63 17.92 -6.10 -2.38
C LYS B 63 16.90 -6.70 -3.35
N TYR B 64 16.57 -7.97 -3.19
CA TYR B 64 15.55 -8.65 -4.03
C TYR B 64 15.98 -8.47 -5.49
N ASN B 65 17.31 -8.48 -5.70
CA ASN B 65 18.09 -8.37 -6.97
C ASN B 65 17.66 -7.15 -7.76
N VAL B 66 17.50 -6.00 -7.06
CA VAL B 66 16.86 -4.74 -7.53
C VAL B 66 17.60 -3.60 -6.83
N PRO B 67 17.99 -2.51 -7.54
CA PRO B 67 18.56 -1.39 -6.83
C PRO B 67 17.55 -0.89 -5.78
N VAL B 68 18.03 -0.61 -4.56
CA VAL B 68 17.26 0.10 -3.48
C VAL B 68 18.13 1.19 -2.93
N GLN B 69 17.56 2.03 -2.07
CA GLN B 69 18.36 3.04 -1.32
C GLN B 69 18.09 2.91 0.20
N MET B 70 19.12 3.25 0.97
CA MET B 70 19.38 2.91 2.40
C MET B 70 20.17 4.04 3.04
N SER B 71 19.53 4.86 3.87
CA SER B 71 20.17 5.72 4.90
C SER B 71 21.31 4.94 5.59
N CYS B 72 22.46 5.60 5.75
CA CYS B 72 23.54 5.25 6.72
C CYS B 72 23.74 6.42 7.71
N HIS B 73 22.73 7.28 7.94
CA HIS B 73 22.65 8.08 9.20
C HIS B 73 22.11 7.17 10.31
N PRO B 74 22.93 6.90 11.37
CA PRO B 74 22.74 5.72 12.25
C PRO B 74 21.57 5.82 13.26
N GLU B 75 21.19 7.06 13.63
CA GLU B 75 19.99 7.40 14.44
C GLU B 75 18.72 7.12 13.63
N LEU B 76 18.59 7.66 12.42
CA LEU B 76 17.47 7.32 11.52
C LEU B 76 17.39 5.80 11.42
N ASN B 77 18.52 5.12 11.15
CA ASN B 77 18.57 3.63 10.92
C ASN B 77 18.04 2.91 12.18
N GLN B 78 18.40 3.44 13.36
CA GLN B 78 18.02 2.88 14.66
C GLN B 78 16.51 3.06 14.86
N TYR B 79 16.03 4.30 14.62
CA TYR B 79 14.57 4.53 14.81
C TYR B 79 13.77 3.49 14.01
N ILE B 80 14.15 3.20 12.75
CA ILE B 80 13.42 2.31 11.82
C ILE B 80 13.57 0.87 12.32
N GLN B 81 14.76 0.52 12.76
CA GLN B 81 15.15 -0.83 13.28
C GLN B 81 14.36 -1.18 14.54
N ASP B 82 14.38 -0.27 15.51
CA ASP B 82 13.58 -0.26 16.79
C ASP B 82 12.09 -0.34 16.50
N THR B 83 11.61 0.48 15.56
CA THR B 83 10.19 0.39 15.10
C THR B 83 9.91 -1.07 14.74
N LEU B 84 10.73 -1.69 13.90
CA LEU B 84 10.23 -2.93 13.23
C LEU B 84 10.44 -4.11 14.16
N HIS B 85 11.52 -4.09 14.93
CA HIS B 85 11.75 -5.07 16.03
C HIS B 85 10.51 -5.16 16.96
N CYS B 86 9.96 -4.02 17.36
CA CYS B 86 8.72 -3.95 18.15
C CYS B 86 7.59 -4.61 17.43
N VAL B 87 7.51 -4.48 16.10
CA VAL B 87 6.40 -5.00 15.25
C VAL B 87 6.59 -6.53 15.07
N LYS B 88 7.83 -7.03 14.98
CA LYS B 88 8.07 -8.46 14.75
C LYS B 88 7.02 -9.28 15.54
N PRO B 89 7.05 -9.29 16.90
CA PRO B 89 6.15 -10.13 17.69
C PRO B 89 4.70 -10.16 17.18
N LEU B 90 4.14 -9.01 16.78
CA LEU B 90 2.74 -8.92 16.33
C LEU B 90 2.54 -9.70 15.00
N LEU B 91 3.53 -9.75 14.13
CA LEU B 91 3.44 -10.40 12.82
C LEU B 91 3.57 -11.89 13.07
N GLU B 92 4.57 -12.31 13.86
CA GLU B 92 4.76 -13.74 14.25
C GLU B 92 3.37 -14.40 14.45
N LYS B 93 2.44 -13.78 15.19
CA LYS B 93 1.10 -14.37 15.43
C LYS B 93 0.06 -13.69 14.53
N ASN B 94 0.50 -13.02 13.49
CA ASN B 94 -0.41 -12.43 12.47
C ASN B 94 -1.53 -11.64 13.16
N ASP B 95 -1.19 -10.52 13.84
CA ASP B 95 -2.10 -9.63 14.62
C ASP B 95 -2.28 -8.26 13.93
N VAL B 96 -1.54 -8.02 12.86
CA VAL B 96 -1.41 -6.70 12.19
C VAL B 96 -2.32 -6.65 10.96
N GLU B 97 -3.30 -5.75 10.91
CA GLU B 97 -4.13 -5.48 9.70
C GLU B 97 -3.29 -4.72 8.67
N LYS B 98 -2.63 -3.64 9.07
CA LYS B 98 -1.71 -2.90 8.17
C LYS B 98 -0.58 -2.25 8.98
N VAL B 99 0.50 -1.92 8.26
CA VAL B 99 1.70 -1.13 8.66
C VAL B 99 1.66 0.08 7.74
N VAL B 100 1.53 1.26 8.29
CA VAL B 100 1.36 2.51 7.49
C VAL B 100 2.55 3.41 7.69
N VAL B 101 3.17 3.85 6.58
CA VAL B 101 4.17 4.95 6.62
C VAL B 101 3.48 6.26 6.28
N VAL B 102 3.36 7.13 7.26
CA VAL B 102 2.61 8.41 7.16
C VAL B 102 3.65 9.51 6.95
N ILE B 103 3.49 10.27 5.88
CA ILE B 103 4.23 11.53 5.69
C ILE B 103 3.37 12.68 6.21
N LEU B 104 3.84 13.40 7.23
CA LEU B 104 3.19 14.63 7.78
C LEU B 104 3.87 15.85 7.14
N ASP B 105 3.16 16.97 7.04
CA ASP B 105 3.75 18.24 6.49
C ASP B 105 4.40 18.96 7.68
N LYS B 106 5.05 20.10 7.41
CA LYS B 106 5.82 20.90 8.42
C LYS B 106 4.89 21.35 9.55
N GLU B 107 3.55 21.37 9.34
CA GLU B 107 2.47 21.67 10.33
C GLU B 107 1.89 20.39 10.97
N HIS B 108 2.59 19.25 10.85
CA HIS B 108 2.18 17.99 11.53
C HIS B 108 0.89 17.42 10.92
N ARG B 109 0.56 17.77 9.67
CA ARG B 109 -0.69 17.33 8.99
C ARG B 109 -0.38 16.22 7.98
N PRO B 110 -1.01 15.02 8.10
CA PRO B 110 -0.86 13.96 7.12
C PRO B 110 -1.07 14.40 5.67
N VAL B 111 -0.08 14.13 4.80
CA VAL B 111 -0.06 14.52 3.38
C VAL B 111 -0.30 13.25 2.56
N GLU B 112 0.43 12.15 2.80
CA GLU B 112 0.18 10.87 2.10
C GLU B 112 0.52 9.70 3.03
N LYS B 113 0.07 8.50 2.67
CA LYS B 113 0.18 7.27 3.49
C LYS B 113 0.55 6.10 2.61
N PHE B 114 1.78 5.61 2.75
CA PHE B 114 2.11 4.25 2.24
C PHE B 114 1.46 3.25 3.18
N VAL B 115 0.54 2.43 2.67
CA VAL B 115 -0.24 1.45 3.46
C VAL B 115 0.07 0.05 2.93
N PHE B 116 0.68 -0.76 3.80
CA PHE B 116 0.83 -2.19 3.52
C PHE B 116 -0.39 -2.86 4.15
N GLU B 117 -1.43 -3.27 3.39
CA GLU B 117 -2.46 -4.25 3.91
C GLU B 117 -1.87 -5.65 3.90
N ILE B 118 -1.90 -6.36 5.03
CA ILE B 118 -1.38 -7.75 5.17
C ILE B 118 -2.50 -8.72 5.60
N THR B 119 -2.54 -9.90 4.96
CA THR B 119 -3.69 -10.85 5.02
C THR B 119 -3.17 -12.25 5.38
N GLN B 120 -3.99 -12.97 6.16
CA GLN B 120 -3.56 -14.02 7.10
C GLN B 120 -3.08 -15.30 6.39
N PRO B 121 -3.86 -15.89 5.45
CA PRO B 121 -3.76 -17.32 5.12
C PRO B 121 -2.41 -18.02 5.41
N ILE B 126 2.17 -26.15 4.93
CA ILE B 126 3.16 -26.58 5.97
C ILE B 126 4.56 -26.07 5.58
N SER B 127 5.49 -26.01 6.53
CA SER B 127 6.90 -25.57 6.34
C SER B 127 7.01 -24.47 5.27
N SER B 128 7.98 -24.54 4.35
CA SER B 128 8.36 -23.41 3.45
C SER B 128 9.24 -23.89 2.29
N ASP B 129 10.42 -24.44 2.57
CA ASP B 129 11.37 -24.95 1.53
C ASP B 129 11.88 -23.76 0.71
N SER B 130 12.04 -23.94 -0.62
CA SER B 130 12.41 -22.88 -1.60
C SER B 130 11.15 -22.30 -2.26
N LEU B 131 10.00 -22.35 -1.58
CA LEU B 131 8.77 -21.53 -1.84
C LEU B 131 9.01 -20.09 -1.39
N LEU B 132 9.70 -19.90 -0.26
CA LEU B 132 10.12 -18.57 0.27
C LEU B 132 10.83 -17.79 -0.84
N SER B 133 11.79 -18.38 -1.55
CA SER B 133 12.55 -17.72 -2.63
C SER B 133 11.63 -17.43 -3.83
N HIS B 134 10.33 -17.75 -3.70
CA HIS B 134 9.25 -17.35 -4.64
C HIS B 134 8.60 -16.04 -4.16
N VAL B 135 8.40 -15.86 -2.85
CA VAL B 135 7.79 -14.62 -2.23
C VAL B 135 8.86 -13.50 -2.14
N GLU B 136 10.13 -13.83 -1.97
CA GLU B 136 11.26 -12.88 -2.15
C GLU B 136 11.10 -12.24 -3.53
N GLN B 137 10.68 -13.01 -4.53
CA GLN B 137 10.50 -12.54 -5.95
C GLN B 137 9.33 -11.56 -6.08
N LEU B 138 8.18 -11.92 -5.51
CA LEU B 138 6.94 -11.12 -5.53
C LEU B 138 7.17 -9.76 -4.86
N LEU B 139 8.04 -9.74 -3.82
CA LEU B 139 8.40 -8.52 -3.05
C LEU B 139 9.33 -7.55 -3.82
N ALA B 140 9.94 -8.01 -4.91
CA ALA B 140 10.80 -7.15 -5.75
C ALA B 140 9.91 -6.12 -6.45
N ALA B 141 8.75 -6.54 -6.97
CA ALA B 141 7.78 -5.71 -7.71
C ALA B 141 7.29 -4.53 -6.84
N PHE B 142 7.06 -4.79 -5.54
CA PHE B 142 6.71 -3.73 -4.58
C PHE B 142 7.81 -2.67 -4.61
N ILE B 143 9.04 -3.13 -4.49
CA ILE B 143 10.22 -2.22 -4.37
C ILE B 143 10.27 -1.33 -5.60
N LEU B 144 9.99 -1.91 -6.76
CA LEU B 144 10.16 -1.26 -8.07
C LEU B 144 9.08 -0.24 -8.25
N LYS B 145 7.87 -0.64 -7.81
CA LYS B 145 6.68 0.24 -7.71
C LYS B 145 7.06 1.47 -6.88
N ILE B 146 7.76 1.31 -5.77
CA ILE B 146 8.10 2.46 -4.91
C ILE B 146 9.12 3.32 -5.66
N SER B 147 10.12 2.73 -6.32
CA SER B 147 11.22 3.44 -7.06
C SER B 147 10.68 4.52 -8.00
N VAL B 148 9.62 4.19 -8.75
CA VAL B 148 9.09 5.02 -9.86
C VAL B 148 7.73 5.63 -9.49
N CYS B 149 7.46 5.91 -8.21
CA CYS B 149 6.08 6.23 -7.79
C CYS B 149 5.86 7.75 -7.69
N ASP B 150 6.89 8.56 -7.90
CA ASP B 150 6.78 10.03 -8.21
C ASP B 150 5.89 10.24 -9.45
N ALA B 151 5.73 9.21 -10.29
CA ALA B 151 4.97 9.25 -11.56
C ALA B 151 3.45 9.22 -11.32
N VAL B 152 2.96 8.55 -10.28
CA VAL B 152 1.49 8.43 -10.00
C VAL B 152 1.01 9.37 -8.86
N LEU B 153 1.92 10.07 -8.20
CA LEU B 153 1.67 10.85 -6.98
C LEU B 153 2.08 12.29 -7.27
N ASP B 154 1.30 13.23 -6.76
CA ASP B 154 1.62 14.68 -6.72
C ASP B 154 2.95 14.87 -6.02
N HIS B 155 3.68 15.93 -6.38
CA HIS B 155 4.88 16.35 -5.64
C HIS B 155 4.40 16.61 -4.21
N ASN B 156 5.25 16.28 -3.22
CA ASN B 156 5.04 16.50 -1.78
C ASN B 156 5.51 17.90 -1.44
N PRO B 157 4.91 18.57 -0.42
CA PRO B 157 5.35 19.90 0.00
C PRO B 157 6.61 19.77 0.86
N PRO B 158 7.48 20.79 0.88
CA PRO B 158 8.76 20.63 1.58
C PRO B 158 8.54 20.76 3.09
N GLY B 159 9.52 20.28 3.86
CA GLY B 159 9.50 20.26 5.33
C GLY B 159 8.74 19.08 5.90
N CYS B 160 8.47 18.04 5.10
CA CYS B 160 7.73 16.84 5.57
C CYS B 160 8.63 16.03 6.51
N THR B 161 8.02 15.43 7.52
CA THR B 161 8.55 14.33 8.37
C THR B 161 7.71 13.09 8.13
N PHE B 162 7.91 12.04 8.91
CA PHE B 162 7.17 10.77 8.78
C PHE B 162 7.00 10.13 10.16
N THR B 163 5.98 9.33 10.32
CA THR B 163 5.70 8.50 11.49
C THR B 163 5.36 7.10 10.98
N VAL B 164 5.28 6.11 11.86
CA VAL B 164 4.73 4.73 11.59
C VAL B 164 3.47 4.40 12.41
N LEU B 165 2.35 4.15 11.78
CA LEU B 165 1.12 3.57 12.39
C LEU B 165 1.05 2.05 12.10
N VAL B 166 0.68 1.31 13.11
CA VAL B 166 0.33 -0.13 13.02
C VAL B 166 -1.15 -0.26 13.32
N HIS B 167 -1.93 -0.66 12.30
CA HIS B 167 -3.34 -1.13 12.46
C HIS B 167 -3.28 -2.63 12.87
N THR B 168 -3.75 -2.98 14.06
CA THR B 168 -3.99 -4.42 14.47
C THR B 168 -5.42 -4.84 14.06
N ARG B 169 -5.61 -6.14 13.91
CA ARG B 169 -6.86 -6.83 13.46
C ARG B 169 -8.01 -6.51 14.42
N GLU B 170 -7.84 -6.77 15.72
CA GLU B 170 -8.77 -6.26 16.78
C GLU B 170 -7.93 -5.61 17.91
N ALA B 171 -8.53 -4.67 18.63
CA ALA B 171 -8.00 -4.06 19.85
C ALA B 171 -7.82 -5.12 20.97
N ALA B 172 -6.63 -5.20 21.54
CA ALA B 172 -6.21 -6.25 22.45
C ALA B 172 -5.00 -5.75 23.24
N THR B 173 -5.09 -5.82 24.56
CA THR B 173 -3.96 -5.57 25.47
C THR B 173 -2.76 -6.45 25.07
N ARG B 174 -2.96 -7.68 24.63
CA ARG B 174 -1.80 -8.58 24.32
C ARG B 174 -0.91 -7.86 23.28
N ASN B 175 -1.51 -7.12 22.34
CA ASN B 175 -0.78 -6.27 21.34
C ASN B 175 0.14 -5.26 22.03
N MET B 176 -0.40 -4.44 22.94
CA MET B 176 0.40 -3.39 23.63
C MET B 176 1.42 -4.01 24.54
N GLU B 177 1.22 -5.23 25.05
CA GLU B 177 2.31 -5.80 25.88
C GLU B 177 3.34 -6.45 24.97
N LYS B 178 2.96 -6.94 23.79
CA LYS B 178 3.96 -7.56 22.86
C LYS B 178 4.87 -6.49 22.20
N ILE B 179 4.39 -5.28 21.94
CA ILE B 179 5.21 -4.21 21.26
C ILE B 179 6.13 -3.47 22.24
N GLN B 180 5.77 -3.38 23.53
CA GLN B 180 6.53 -2.55 24.53
C GLN B 180 7.74 -3.36 24.94
N VAL B 181 8.45 -3.95 23.98
CA VAL B 181 9.69 -4.72 24.26
C VAL B 181 10.85 -3.70 24.40
N ILE B 182 11.27 -3.03 23.30
CA ILE B 182 12.50 -2.16 23.25
C ILE B 182 12.38 -0.98 24.23
N LYS B 183 13.41 -0.76 25.04
CA LYS B 183 13.39 0.26 26.11
C LYS B 183 13.86 1.59 25.52
N ASP B 184 13.30 2.68 26.06
CA ASP B 184 13.54 4.05 25.59
C ASP B 184 12.70 4.30 24.33
N PHE B 185 11.89 3.31 23.94
CA PHE B 185 11.08 3.28 22.70
C PHE B 185 9.66 2.82 22.98
N PRO B 186 8.87 3.49 23.84
CA PRO B 186 7.50 3.07 24.05
C PRO B 186 6.52 3.45 22.93
N TRP B 187 5.35 2.84 23.02
CA TRP B 187 4.26 2.90 22.03
C TRP B 187 3.01 3.47 22.69
N ILE B 188 2.19 4.21 21.91
CA ILE B 188 0.89 4.76 22.40
C ILE B 188 -0.18 4.49 21.31
N LEU B 189 -1.42 4.66 21.72
CA LEU B 189 -2.61 4.62 20.86
C LEU B 189 -2.66 5.97 20.12
N ALA B 190 -2.79 5.92 18.81
CA ALA B 190 -2.55 7.11 17.96
C ALA B 190 -3.74 8.01 18.22
N ASP B 191 -3.60 9.33 18.06
CA ASP B 191 -4.77 10.23 18.16
C ASP B 191 -5.50 10.18 16.81
N GLU B 192 -6.66 10.83 16.69
CA GLU B 192 -7.35 11.11 15.39
C GLU B 192 -6.53 12.15 14.62
N GLN B 193 -5.83 13.07 15.28
CA GLN B 193 -4.93 14.04 14.60
C GLN B 193 -3.74 13.31 13.94
N ASP B 194 -3.50 12.02 14.21
CA ASP B 194 -2.35 11.22 13.69
C ASP B 194 -2.76 10.38 12.46
N VAL B 195 -4.07 10.19 12.26
CA VAL B 195 -4.68 9.25 11.28
C VAL B 195 -5.41 10.03 10.19
N HIS B 196 -6.20 11.03 10.58
CA HIS B 196 -7.21 11.65 9.69
C HIS B 196 -6.48 12.27 8.53
N MET B 197 -7.03 12.04 7.32
CA MET B 197 -6.60 12.68 6.04
C MET B 197 -7.88 13.08 5.32
N HIS B 198 -8.05 14.36 4.97
CA HIS B 198 -9.28 14.86 4.30
C HIS B 198 -9.25 14.65 2.78
N ASP B 199 -10.34 14.06 2.25
CA ASP B 199 -10.61 13.86 0.80
C ASP B 199 -9.44 13.07 0.22
N PRO B 200 -9.16 11.87 0.77
CA PRO B 200 -7.96 11.12 0.42
C PRO B 200 -8.14 10.36 -0.90
N ARG B 201 -7.19 10.47 -1.82
CA ARG B 201 -7.29 9.73 -3.13
C ARG B 201 -6.45 8.46 -2.96
N LEU B 202 -6.93 7.38 -3.55
CA LEU B 202 -6.31 6.03 -3.47
C LEU B 202 -5.49 5.71 -4.75
N ILE B 203 -4.18 5.38 -4.59
CA ILE B 203 -3.25 4.99 -5.70
C ILE B 203 -2.69 3.60 -5.42
N PRO B 204 -3.30 2.51 -5.88
CA PRO B 204 -2.78 1.18 -5.54
C PRO B 204 -1.48 0.95 -6.31
N LEU B 205 -0.44 0.41 -5.67
CA LEU B 205 0.90 0.16 -6.25
C LEU B 205 1.06 -1.30 -6.65
N LYS B 206 0.75 -2.26 -5.76
CA LYS B 206 0.95 -3.71 -5.99
C LYS B 206 0.09 -4.53 -5.03
N THR B 207 -0.58 -5.53 -5.55
CA THR B 207 -1.29 -6.60 -4.82
C THR B 207 -0.48 -7.89 -5.06
N MET B 208 -0.67 -8.92 -4.25
CA MET B 208 0.18 -10.13 -4.31
C MET B 208 -0.53 -11.25 -3.54
N THR B 209 -0.71 -12.38 -4.18
CA THR B 209 -1.26 -13.61 -3.57
C THR B 209 -0.18 -14.70 -3.69
N SER B 210 0.33 -15.14 -2.55
CA SER B 210 0.88 -16.49 -2.31
C SER B 210 -0.01 -17.17 -1.25
N ASP B 211 0.29 -18.41 -0.87
CA ASP B 211 -0.42 -19.12 0.22
C ASP B 211 -0.02 -18.44 1.54
N ILE B 212 1.29 -18.26 1.76
CA ILE B 212 1.92 -17.64 2.98
C ILE B 212 1.48 -16.19 3.16
N LEU B 213 1.69 -15.35 2.13
CA LEU B 213 1.48 -13.89 2.23
C LEU B 213 0.45 -13.42 1.19
N LYS B 214 -0.48 -12.57 1.62
CA LYS B 214 -1.38 -11.79 0.75
C LYS B 214 -1.21 -10.35 1.24
N MET B 215 -0.53 -9.51 0.45
CA MET B 215 -0.17 -8.11 0.80
C MET B 215 -0.57 -7.20 -0.35
N GLN B 216 -1.23 -6.08 -0.05
CA GLN B 216 -1.40 -4.93 -1.00
C GLN B 216 -0.54 -3.78 -0.54
N LEU B 217 0.12 -3.09 -1.44
CA LEU B 217 0.67 -1.74 -1.17
C LEU B 217 -0.21 -0.71 -1.91
N TYR B 218 -0.86 0.22 -1.17
CA TYR B 218 -1.53 1.38 -1.80
C TYR B 218 -1.21 2.64 -1.03
N VAL B 219 -1.31 3.75 -1.71
CA VAL B 219 -0.97 5.10 -1.18
C VAL B 219 -2.28 5.85 -1.02
N GLU B 220 -2.50 6.45 0.12
CA GLU B 220 -3.60 7.42 0.31
C GLU B 220 -2.94 8.78 0.22
N GLU B 221 -3.49 9.65 -0.61
CA GLU B 221 -2.92 10.99 -0.95
C GLU B 221 -3.99 12.05 -0.67
N ARG B 222 -3.66 13.11 0.01
CA ARG B 222 -4.51 14.32 0.17
C ARG B 222 -4.89 14.91 -1.18
N ALA B 223 -6.13 15.44 -1.24
CA ALA B 223 -6.69 16.31 -2.31
C ALA B 223 -5.65 17.35 -2.69
N HIS B 224 -5.14 18.10 -1.72
CA HIS B 224 -4.18 19.22 -2.00
C HIS B 224 -3.05 19.25 -0.97
N LYS B 225 -1.95 19.95 -1.26
CA LYS B 225 -0.70 19.99 -0.47
C LYS B 225 -0.15 21.43 -0.42
N ARG C 27 -12.97 6.13 19.57
CA ARG C 27 -13.24 4.68 19.69
C ARG C 27 -12.27 3.82 18.85
N THR C 28 -11.07 4.31 18.53
CA THR C 28 -10.12 3.67 17.58
C THR C 28 -8.89 3.14 18.34
N ALA C 29 -9.04 1.97 19.03
CA ALA C 29 -8.03 1.46 19.96
C ALA C 29 -7.20 0.34 19.34
N ASN C 30 -7.32 0.16 18.02
CA ASN C 30 -6.50 -0.84 17.25
C ASN C 30 -5.34 -0.19 16.47
N ILE C 31 -5.10 1.11 16.64
CA ILE C 31 -3.99 1.89 15.98
C ILE C 31 -2.89 2.29 17.00
N LEU C 32 -1.68 1.71 16.79
CA LEU C 32 -0.49 1.95 17.63
C LEU C 32 0.55 2.78 16.88
N LYS C 33 1.43 3.42 17.63
CA LYS C 33 2.28 4.55 17.14
C LYS C 33 3.43 4.67 18.13
N PRO C 34 4.67 4.82 17.65
CA PRO C 34 5.79 5.24 18.52
C PRO C 34 5.49 6.60 19.18
N LEU C 35 5.77 6.72 20.45
CA LEU C 35 5.67 7.98 21.19
C LEU C 35 6.73 8.91 20.63
N MET C 36 7.94 8.40 20.40
CA MET C 36 9.12 9.12 19.83
C MET C 36 8.96 9.33 18.32
N SER C 37 9.40 10.48 17.86
CA SER C 37 9.49 10.83 16.43
C SER C 37 10.86 10.42 15.89
N PRO C 38 10.94 10.11 14.57
CA PRO C 38 12.23 9.90 13.93
C PRO C 38 12.98 11.22 14.10
N PRO C 39 14.31 11.22 14.12
CA PRO C 39 15.07 12.45 13.98
C PRO C 39 14.55 13.34 12.85
N SER C 40 14.38 14.67 13.06
CA SER C 40 13.88 15.65 12.04
C SER C 40 14.89 15.88 10.89
N ARG C 41 14.46 16.54 9.82
CA ARG C 41 15.35 16.94 8.66
C ARG C 41 16.49 17.82 9.19
N GLU C 42 16.17 18.76 10.10
CA GLU C 42 17.15 19.61 10.83
C GLU C 42 18.25 18.74 11.44
N GLU C 43 17.92 17.95 12.47
CA GLU C 43 18.86 17.13 13.28
C GLU C 43 19.85 16.40 12.37
N ILE C 44 19.38 15.99 11.19
CA ILE C 44 20.18 15.28 10.15
C ILE C 44 21.02 16.29 9.38
N MET C 45 20.40 17.32 8.77
CA MET C 45 21.08 18.47 8.09
C MET C 45 21.87 19.26 9.15
N ALA C 46 22.92 18.62 9.70
CA ALA C 46 23.83 19.08 10.78
C ALA C 46 24.85 17.97 11.08
N THR C 47 25.39 17.32 10.02
CA THR C 47 26.37 16.21 10.03
C THR C 47 25.99 15.19 11.13
N1 U8M D . -24.01 -10.56 -25.24
N3 U8M D . -19.99 -10.97 -23.75
C4 U8M D . -22.72 -10.18 -25.02
C5 U8M D . -22.14 -10.37 -23.75
C6 U8M D . -20.52 -12.29 -23.64
C7 U8M D . -20.83 -13.08 -24.75
C8 U8M D . -21.38 -14.35 -24.60
C10 U8M D . -21.32 -14.08 -22.24
C1 U8M D . -22.91 -10.95 -22.75
C2 U8M D . -24.22 -11.33 -22.99
C3 U8M D . -24.73 -11.13 -24.24
N2 U8M D . -20.79 -10.04 -23.42
C9 U8M D . -21.63 -14.86 -23.34
C11 U8M D . -20.77 -12.82 -22.38
N4 U8M D . -26.02 -11.49 -24.47
N5 U8M D . -21.99 -9.60 -25.98
F1 U8M D . -20.53 -12.08 -21.27
F2 U8M D . -21.56 -14.52 -20.99
H3 U8M D . -20.67 -12.75 -25.61
H4 U8M D . -21.58 -14.87 -25.37
H1 U8M D . -22.54 -11.09 -21.89
H2 U8M D . -24.75 -11.73 -22.31
H5 U8M D . -22.01 -15.72 -23.22
H6 U8M D . -26.39 -11.35 -25.25
H7 U8M D . -26.49 -11.85 -23.83
H9 U8M D . -22.34 -9.48 -26.77
H8 U8M D . -21.17 -9.34 -25.82
#